data_8V3A
#
_entry.id   8V3A
#
_cell.length_a   71.680
_cell.length_b   101.770
_cell.length_c   118.430
_cell.angle_alpha   90.00
_cell.angle_beta   90.00
_cell.angle_gamma   90.00
#
_symmetry.space_group_name_H-M   'I 2 2 2'
#
loop_
_entity.id
_entity.type
_entity.pdbx_description
1 polymer 'GTPase KRas'
2 non-polymer "GUANOSINE-5'-DIPHOSPHATE"
3 non-polymer 'MAGNESIUM ION'
4 non-polymer 'BBO-8520 (bound form)'
5 water water
#
_entity_poly.entity_id   1
_entity_poly.type   'polypeptide(L)'
_entity_poly.pdbx_seq_one_letter_code
;GMTEYKLVVVGACGVGKSALTIQLIQNHFVDEYDPTIEDSYRKQVVIDGETCLLDILDTAGQEEYSAMRDQYMRTGEGFL
CVFAINNTKSFEDIHHYREQIKRVKDSEDVPMVLVGNKSDLPSRTVDTKQAQDLARSYGIPFIETSAKTRQGVDDAFYTL
VREIRKHKEK
;
_entity_poly.pdbx_strand_id   A,B
#
loop_
_chem_comp.id
_chem_comp.type
_chem_comp.name
_chem_comp.formula
GDP RNA linking GUANOSINE-5'-DIPHOSPHATE 'C10 H15 N5 O11 P2'
MG non-polymer 'MAGNESIUM ION' 'Mg 2'
Y8N non-polymer 'BBO-8520 (bound form)' 'C35 H35 F6 N7 O2 S'
#
# COMPACT_ATOMS: atom_id res chain seq x y z
N GLY A 1 3.38 -14.27 -25.24
CA GLY A 1 2.23 -14.36 -24.34
C GLY A 1 2.22 -13.32 -23.24
N MET A 2 2.15 -13.79 -22.01
CA MET A 2 2.07 -12.89 -20.85
C MET A 2 3.46 -12.44 -20.43
N THR A 3 3.60 -11.14 -20.19
CA THR A 3 4.90 -10.59 -19.81
C THR A 3 5.29 -11.03 -18.41
N GLU A 4 6.55 -11.43 -18.27
CA GLU A 4 7.11 -11.78 -16.96
C GLU A 4 8.13 -10.73 -16.57
N TYR A 5 8.09 -10.30 -15.31
CA TYR A 5 9.02 -9.32 -14.76
C TYR A 5 9.90 -10.03 -13.74
N LYS A 6 11.22 -10.00 -13.96
CA LYS A 6 12.18 -10.68 -13.09
C LYS A 6 12.75 -9.66 -12.13
N LEU A 7 12.31 -9.72 -10.87
CA LEU A 7 12.73 -8.77 -9.85
C LEU A 7 13.65 -9.45 -8.85
N VAL A 8 14.56 -8.68 -8.28
CA VAL A 8 15.50 -9.19 -7.27
C VAL A 8 15.44 -8.28 -6.06
N VAL A 9 15.20 -8.85 -4.88
CA VAL A 9 15.16 -8.09 -3.63
C VAL A 9 16.49 -8.25 -2.93
N VAL A 10 17.19 -7.14 -2.69
CA VAL A 10 18.51 -7.13 -2.07
C VAL A 10 18.51 -6.20 -0.86
N GLY A 11 19.60 -6.29 -0.07
CA GLY A 11 19.72 -5.51 1.15
C GLY A 11 20.27 -6.34 2.30
N ALA A 12 20.62 -5.66 3.40
CA ALA A 12 21.35 -6.25 4.52
C ALA A 12 20.50 -7.27 5.28
N CYS A 13 21.16 -7.98 6.20
CA CYS A 13 20.43 -8.92 7.01
C CYS A 13 19.36 -8.20 7.83
N GLY A 14 18.19 -8.82 7.92
CA GLY A 14 17.16 -8.37 8.85
C GLY A 14 16.36 -7.16 8.41
N VAL A 15 16.53 -6.69 7.17
CA VAL A 15 15.80 -5.49 6.77
C VAL A 15 14.37 -5.80 6.34
N GLY A 16 14.05 -7.07 6.13
CA GLY A 16 12.72 -7.47 5.72
C GLY A 16 12.59 -7.92 4.29
N LYS A 17 13.67 -8.35 3.64
CA LYS A 17 13.57 -8.88 2.28
C LYS A 17 12.57 -10.03 2.22
N SER A 18 12.74 -11.03 3.10
CA SER A 18 11.82 -12.17 3.09
C SER A 18 10.41 -11.73 3.47
N ALA A 19 10.27 -10.90 4.51
CA ALA A 19 8.95 -10.48 4.96
C ALA A 19 8.22 -9.72 3.86
N LEU A 20 8.93 -8.85 3.14
CA LEU A 20 8.28 -8.09 2.07
C LEU A 20 7.80 -9.01 0.96
N THR A 21 8.66 -9.96 0.54
CA THR A 21 8.32 -10.82 -0.58
C THR A 21 7.19 -11.79 -0.23
N ILE A 22 7.24 -12.37 0.97
CA ILE A 22 6.21 -13.31 1.40
C ILE A 22 4.88 -12.59 1.60
N GLN A 23 4.93 -11.35 2.08
CA GLN A 23 3.71 -10.56 2.20
C GLN A 23 3.07 -10.32 0.82
N LEU A 24 3.86 -9.82 -0.13
CA LEU A 24 3.35 -9.56 -1.48
C LEU A 24 2.78 -10.81 -2.13
N ILE A 25 3.52 -11.93 -2.03
CA ILE A 25 3.18 -13.10 -2.85
C ILE A 25 2.28 -14.05 -2.09
N GLN A 26 2.54 -14.30 -0.81
CA GLN A 26 1.76 -15.29 -0.06
C GLN A 26 0.81 -14.67 0.97
N ASN A 27 0.69 -13.33 1.03
CA ASN A 27 -0.40 -12.67 1.75
C ASN A 27 -0.39 -12.92 3.25
N HIS A 28 0.80 -12.96 3.86
CA HIS A 28 0.85 -12.94 5.32
C HIS A 28 2.23 -12.44 5.74
N PHE A 29 2.35 -12.12 7.02
CA PHE A 29 3.56 -11.58 7.60
C PHE A 29 4.29 -12.67 8.39
N VAL A 30 5.59 -12.85 8.14
CA VAL A 30 6.40 -13.79 8.94
C VAL A 30 7.10 -13.01 10.04
N ASP A 31 6.92 -13.44 11.29
CA ASP A 31 7.60 -12.83 12.43
CA ASP A 31 7.61 -12.77 12.39
C ASP A 31 9.07 -13.19 12.51
N GLU A 32 9.49 -14.22 11.81
CA GLU A 32 10.89 -14.60 11.74
C GLU A 32 11.03 -15.58 10.58
N TYR A 33 12.22 -15.58 9.99
CA TYR A 33 12.44 -16.34 8.77
C TYR A 33 13.94 -16.52 8.62
N ASP A 34 14.37 -17.78 8.55
CA ASP A 34 15.79 -18.08 8.57
C ASP A 34 16.53 -17.28 7.51
N PRO A 35 17.67 -16.64 7.85
CA PRO A 35 18.37 -15.77 6.89
C PRO A 35 19.12 -16.50 5.80
N THR A 36 19.11 -17.83 5.79
CA THR A 36 19.73 -18.61 4.72
C THR A 36 18.75 -19.09 3.65
N ILE A 37 17.44 -18.94 3.85
CA ILE A 37 16.45 -19.44 2.90
C ILE A 37 16.28 -18.46 1.76
N GLU A 38 16.65 -18.87 0.56
CA GLU A 38 16.51 -18.05 -0.65
C GLU A 38 15.57 -18.77 -1.63
N ASP A 39 14.53 -18.07 -2.07
CA ASP A 39 13.57 -18.61 -3.01
C ASP A 39 13.15 -17.57 -4.03
N SER A 40 12.85 -18.04 -5.23
CA SER A 40 12.07 -17.28 -6.18
C SER A 40 10.58 -17.45 -5.87
N TYR A 41 9.86 -16.33 -5.82
CA TYR A 41 8.42 -16.29 -5.58
C TYR A 41 7.72 -15.86 -6.85
N ARG A 42 6.59 -16.51 -7.18
CA ARG A 42 5.89 -16.17 -8.42
C ARG A 42 4.40 -15.93 -8.18
N LYS A 43 3.84 -14.97 -8.90
CA LYS A 43 2.42 -14.70 -8.84
C LYS A 43 2.00 -13.98 -10.11
N GLN A 44 0.79 -14.25 -10.55
CA GLN A 44 0.15 -13.46 -11.60
C GLN A 44 -0.58 -12.29 -10.97
N VAL A 45 -0.38 -11.09 -11.53
CA VAL A 45 -0.91 -9.85 -10.97
C VAL A 45 -1.40 -8.99 -12.12
N VAL A 46 -2.31 -8.06 -11.80
CA VAL A 46 -2.73 -7.01 -12.74
C VAL A 46 -2.10 -5.70 -12.28
N ILE A 47 -1.29 -5.09 -13.14
CA ILE A 47 -0.62 -3.81 -12.85
C ILE A 47 -0.97 -2.84 -13.96
N ASP A 48 -1.66 -1.76 -13.62
CA ASP A 48 -2.12 -0.76 -14.59
C ASP A 48 -2.85 -1.41 -15.76
N GLY A 49 -3.72 -2.37 -15.45
CA GLY A 49 -4.51 -3.02 -16.48
C GLY A 49 -3.81 -4.13 -17.23
N GLU A 50 -2.51 -4.34 -17.01
CA GLU A 50 -1.75 -5.40 -17.66
C GLU A 50 -1.68 -6.61 -16.74
N THR A 51 -2.13 -7.77 -17.23
CA THR A 51 -1.93 -9.03 -16.52
C THR A 51 -0.52 -9.53 -16.81
N CYS A 52 0.26 -9.73 -15.75
CA CYS A 52 1.66 -10.13 -15.92
C CYS A 52 2.06 -11.08 -14.82
N LEU A 53 3.24 -11.67 -15.00
CA LEU A 53 3.83 -12.61 -14.06
C LEU A 53 4.98 -11.93 -13.33
N LEU A 54 4.95 -11.95 -12.00
CA LEU A 54 6.10 -11.53 -11.20
C LEU A 54 6.93 -12.75 -10.82
N ASP A 55 8.24 -12.66 -10.99
CA ASP A 55 9.19 -13.71 -10.62
C ASP A 55 10.21 -13.00 -9.75
N ILE A 56 10.12 -13.18 -8.43
CA ILE A 56 10.83 -12.34 -7.47
C ILE A 56 11.84 -13.18 -6.69
N LEU A 57 13.11 -12.81 -6.77
CA LEU A 57 14.14 -13.53 -6.01
C LEU A 57 14.34 -12.83 -4.67
N ASP A 58 14.03 -13.53 -3.58
CA ASP A 58 14.31 -13.03 -2.24
C ASP A 58 15.71 -13.53 -1.84
N THR A 59 16.73 -12.69 -2.01
CA THR A 59 18.11 -13.14 -1.82
C THR A 59 18.41 -13.43 -0.36
N ALA A 60 19.27 -14.43 -0.12
CA ALA A 60 19.58 -14.84 1.25
C ALA A 60 20.91 -15.57 1.26
N GLY A 61 21.36 -15.93 2.45
CA GLY A 61 22.57 -16.72 2.53
C GLY A 61 23.82 -15.87 2.60
N GLN A 62 24.88 -16.29 1.91
CA GLN A 62 26.17 -15.62 2.01
CA GLN A 62 26.18 -15.63 2.00
C GLN A 62 26.42 -14.71 0.81
N GLU A 63 27.20 -13.67 1.06
CA GLU A 63 27.78 -12.86 0.00
C GLU A 63 28.87 -13.68 -0.72
N GLU A 64 28.81 -13.74 -2.05
CA GLU A 64 29.80 -14.49 -2.81
C GLU A 64 29.76 -14.04 -4.27
N TYR A 65 30.91 -14.14 -4.93
CA TYR A 65 31.11 -13.57 -6.25
C TYR A 65 31.64 -14.59 -7.24
N SER A 66 31.13 -15.82 -7.18
CA SER A 66 31.35 -16.76 -8.26
C SER A 66 30.76 -16.19 -9.56
N ALA A 67 31.29 -16.67 -10.68
CA ALA A 67 30.74 -16.26 -11.97
C ALA A 67 29.27 -16.62 -12.08
N MET A 68 28.89 -17.78 -11.53
CA MET A 68 27.50 -18.21 -11.58
C MET A 68 26.58 -17.26 -10.81
N ARG A 69 27.03 -16.79 -9.64
CA ARG A 69 26.20 -15.87 -8.88
C ARG A 69 26.07 -14.53 -9.62
N ASP A 70 27.18 -13.99 -10.13
CA ASP A 70 27.11 -12.79 -10.95
C ASP A 70 26.10 -12.97 -12.09
N GLN A 71 26.19 -14.08 -12.81
CA GLN A 71 25.33 -14.27 -13.97
C GLN A 71 23.87 -14.39 -13.55
N TYR A 72 23.59 -15.02 -12.41
CA TYR A 72 22.21 -15.13 -11.95
C TYR A 72 21.64 -13.74 -11.65
N MET A 73 22.41 -12.89 -10.97
CA MET A 73 21.95 -11.54 -10.69
C MET A 73 21.83 -10.72 -11.97
N ARG A 74 22.67 -11.01 -12.96
CA ARG A 74 22.59 -10.34 -14.25
C ARG A 74 21.24 -10.57 -14.93
N THR A 75 20.58 -11.72 -14.66
CA THR A 75 19.27 -11.98 -15.27
C THR A 75 18.15 -11.15 -14.64
N GLY A 76 18.40 -10.49 -13.51
CA GLY A 76 17.38 -9.65 -12.92
C GLY A 76 17.13 -8.43 -13.77
N GLU A 77 15.85 -8.10 -13.95
CA GLU A 77 15.49 -6.91 -14.71
C GLU A 77 15.40 -5.67 -13.85
N GLY A 78 15.07 -5.83 -12.58
CA GLY A 78 14.95 -4.69 -11.69
C GLY A 78 15.26 -5.15 -10.29
N PHE A 79 15.73 -4.22 -9.46
CA PHE A 79 16.19 -4.53 -8.12
C PHE A 79 15.47 -3.67 -7.10
N LEU A 80 14.99 -4.32 -6.03
CA LEU A 80 14.42 -3.64 -4.89
C LEU A 80 15.52 -3.58 -3.85
N CYS A 81 16.01 -2.37 -3.55
CA CYS A 81 17.13 -2.20 -2.63
C CYS A 81 16.58 -1.76 -1.28
N VAL A 82 16.59 -2.67 -0.31
CA VAL A 82 15.83 -2.52 0.94
C VAL A 82 16.78 -2.20 2.09
N PHE A 83 16.46 -1.16 2.86
CA PHE A 83 17.04 -0.98 4.18
C PHE A 83 15.90 -0.87 5.20
N ALA A 84 16.25 -0.95 6.48
CA ALA A 84 15.26 -0.79 7.55
C ALA A 84 15.44 0.56 8.20
N ILE A 85 14.32 1.25 8.49
CA ILE A 85 14.42 2.63 8.95
C ILE A 85 14.90 2.75 10.38
N ASN A 86 15.04 1.63 11.10
CA ASN A 86 15.62 1.62 12.43
C ASN A 86 16.99 0.95 12.45
N ASN A 87 17.66 0.86 11.30
CA ASN A 87 18.95 0.17 11.18
C ASN A 87 19.86 1.04 10.29
N THR A 88 20.68 1.88 10.92
CA THR A 88 21.51 2.80 10.15
C THR A 88 22.53 2.05 9.31
N LYS A 89 23.10 0.97 9.83
CA LYS A 89 24.08 0.21 9.05
C LYS A 89 23.47 -0.30 7.75
N SER A 90 22.19 -0.74 7.79
CA SER A 90 21.56 -1.24 6.56
C SER A 90 21.41 -0.14 5.53
N PHE A 91 21.20 1.10 5.99
CA PHE A 91 21.13 2.23 5.06
C PHE A 91 22.52 2.53 4.50
N GLU A 92 23.54 2.46 5.34
CA GLU A 92 24.91 2.69 4.87
C GLU A 92 25.38 1.63 3.87
N ASP A 93 24.81 0.43 3.92
CA ASP A 93 25.17 -0.63 2.96
C ASP A 93 24.57 -0.42 1.58
N ILE A 94 23.58 0.47 1.42
CA ILE A 94 22.88 0.56 0.15
C ILE A 94 23.86 0.86 -0.99
N HIS A 95 24.82 1.77 -0.75
CA HIS A 95 25.84 2.08 -1.75
C HIS A 95 26.47 0.81 -2.31
N HIS A 96 26.85 -0.11 -1.42
CA HIS A 96 27.48 -1.34 -1.87
C HIS A 96 26.57 -2.15 -2.78
N TYR A 97 25.29 -2.29 -2.41
CA TYR A 97 24.37 -3.08 -3.23
C TYR A 97 24.19 -2.44 -4.59
N ARG A 98 24.09 -1.11 -4.63
CA ARG A 98 23.95 -0.45 -5.92
CA ARG A 98 23.95 -0.45 -5.92
C ARG A 98 25.18 -0.65 -6.79
N GLU A 99 26.38 -0.58 -6.20
CA GLU A 99 27.59 -0.76 -6.99
C GLU A 99 27.66 -2.17 -7.57
N GLN A 100 27.21 -3.19 -6.84
CA GLN A 100 27.25 -4.54 -7.41
C GLN A 100 26.25 -4.70 -8.56
N ILE A 101 25.04 -4.15 -8.41
CA ILE A 101 24.07 -4.11 -9.52
C ILE A 101 24.69 -3.45 -10.74
N LYS A 102 25.29 -2.26 -10.57
CA LYS A 102 25.87 -1.57 -11.71
C LYS A 102 26.98 -2.39 -12.35
N ARG A 103 27.78 -3.09 -11.53
CA ARG A 103 28.90 -3.87 -12.06
C ARG A 103 28.42 -5.01 -12.95
N VAL A 104 27.48 -5.83 -12.46
CA VAL A 104 27.08 -6.97 -13.27
C VAL A 104 26.23 -6.54 -14.46
N LYS A 105 25.42 -5.48 -14.32
CA LYS A 105 24.64 -5.06 -15.46
C LYS A 105 25.43 -4.14 -16.39
N ASP A 106 26.63 -3.71 -15.97
CA ASP A 106 27.49 -2.84 -16.77
C ASP A 106 26.74 -1.59 -17.23
N SER A 107 26.00 -0.98 -16.31
CA SER A 107 25.12 0.13 -16.66
C SER A 107 24.80 0.94 -15.42
N GLU A 108 24.71 2.25 -15.55
CA GLU A 108 24.10 3.05 -14.50
C GLU A 108 22.60 3.20 -14.67
N ASP A 109 22.01 2.58 -15.68
CA ASP A 109 20.59 2.73 -15.98
C ASP A 109 19.86 1.42 -15.74
N VAL A 110 19.88 0.94 -14.50
CA VAL A 110 19.22 -0.32 -14.14
C VAL A 110 17.96 0.02 -13.35
N PRO A 111 16.80 -0.54 -13.70
CA PRO A 111 15.59 -0.30 -12.90
C PRO A 111 15.81 -0.68 -11.44
N MET A 112 15.54 0.27 -10.55
CA MET A 112 15.82 0.11 -9.12
C MET A 112 14.86 0.98 -8.35
N VAL A 113 14.47 0.51 -7.17
CA VAL A 113 13.67 1.28 -6.23
C VAL A 113 14.32 1.15 -4.86
N LEU A 114 14.49 2.27 -4.17
CA LEU A 114 14.98 2.27 -2.80
C LEU A 114 13.81 2.13 -1.85
N VAL A 115 13.88 1.18 -0.93
CA VAL A 115 12.77 0.87 -0.04
C VAL A 115 13.24 1.03 1.40
N GLY A 116 12.57 1.91 2.14
CA GLY A 116 12.78 2.00 3.57
C GLY A 116 11.71 1.24 4.31
N ASN A 117 12.05 0.05 4.81
CA ASN A 117 11.06 -0.84 5.39
C ASN A 117 10.98 -0.66 6.91
N LYS A 118 9.95 -1.27 7.51
CA LYS A 118 9.61 -1.22 8.95
C LYS A 118 9.06 0.15 9.38
N SER A 119 8.32 0.79 8.47
CA SER A 119 7.74 2.11 8.74
CA SER A 119 7.75 2.11 8.74
C SER A 119 6.69 2.07 9.84
N ASP A 120 6.18 0.90 10.20
CA ASP A 120 5.24 0.79 11.30
C ASP A 120 5.88 1.03 12.65
N LEU A 121 7.21 0.97 12.74
CA LEU A 121 7.86 1.03 14.06
C LEU A 121 8.03 2.48 14.52
N PRO A 122 7.99 2.71 15.83
CA PRO A 122 8.49 3.96 16.39
C PRO A 122 10.02 3.93 16.40
N SER A 123 10.61 5.03 16.83
CA SER A 123 12.05 5.11 17.06
C SER A 123 12.85 4.68 15.82
N ARG A 124 12.59 5.36 14.72
CA ARG A 124 13.47 5.21 13.58
C ARG A 124 14.79 5.90 13.84
N THR A 125 15.81 5.48 13.10
CA THR A 125 17.14 6.08 13.18
C THR A 125 17.62 6.63 11.85
N VAL A 126 16.95 6.32 10.75
CA VAL A 126 17.30 6.83 9.43
C VAL A 126 16.28 7.91 9.07
N ASP A 127 16.77 9.13 8.89
CA ASP A 127 15.88 10.23 8.57
C ASP A 127 15.35 10.08 7.15
N THR A 128 14.01 10.22 7.00
CA THR A 128 13.40 10.06 5.68
C THR A 128 14.01 11.02 4.66
N LYS A 129 14.34 12.23 5.09
CA LYS A 129 14.91 13.18 4.14
C LYS A 129 16.30 12.75 3.69
N GLN A 130 17.09 12.12 4.56
CA GLN A 130 18.38 11.60 4.11
C GLN A 130 18.21 10.47 3.09
N ALA A 131 17.18 9.63 3.28
CA ALA A 131 16.92 8.58 2.31
C ALA A 131 16.44 9.16 0.98
N GLN A 132 15.54 10.15 1.03
CA GLN A 132 15.11 10.82 -0.20
C GLN A 132 16.31 11.43 -0.93
N ASP A 133 17.24 12.02 -0.19
CA ASP A 133 18.40 12.63 -0.82
C ASP A 133 19.28 11.57 -1.48
N LEU A 134 19.42 10.40 -0.85
CA LEU A 134 20.19 9.33 -1.47
C LEU A 134 19.52 8.85 -2.76
N ALA A 135 18.22 8.60 -2.70
CA ALA A 135 17.50 8.20 -3.91
C ALA A 135 17.62 9.27 -4.99
N ARG A 136 17.52 10.55 -4.60
CA ARG A 136 17.70 11.63 -5.56
C ARG A 136 19.07 11.56 -6.21
N SER A 137 20.11 11.29 -5.43
CA SER A 137 21.45 11.23 -6.02
C SER A 137 21.59 10.07 -7.00
N TYR A 138 20.82 8.99 -6.82
CA TYR A 138 20.82 7.88 -7.75
C TYR A 138 19.82 8.04 -8.89
N GLY A 139 18.89 8.96 -8.79
CA GLY A 139 17.82 9.09 -9.77
C GLY A 139 16.84 7.94 -9.76
N ILE A 140 16.50 7.42 -8.58
CA ILE A 140 15.56 6.31 -8.48
C ILE A 140 14.45 6.68 -7.50
N PRO A 141 13.31 6.00 -7.58
CA PRO A 141 12.25 6.21 -6.59
C PRO A 141 12.65 5.73 -5.20
N PHE A 142 12.03 6.35 -4.19
CA PHE A 142 12.15 5.94 -2.80
C PHE A 142 10.76 5.80 -2.21
N ILE A 143 10.52 4.66 -1.56
CA ILE A 143 9.20 4.34 -1.03
C ILE A 143 9.40 3.72 0.35
N GLU A 144 8.64 4.20 1.33
CA GLU A 144 8.66 3.60 2.67
C GLU A 144 7.57 2.54 2.76
N THR A 145 7.90 1.43 3.41
CA THR A 145 7.00 0.28 3.45
C THR A 145 6.95 -0.28 4.86
N SER A 146 5.92 -1.08 5.11
CA SER A 146 5.89 -1.99 6.25
C SER A 146 5.44 -3.34 5.75
N ALA A 147 6.35 -4.32 5.80
CA ALA A 147 5.94 -5.70 5.53
C ALA A 147 4.90 -6.18 6.53
N LYS A 148 4.86 -5.59 7.73
CA LYS A 148 3.97 -6.07 8.78
C LYS A 148 2.52 -5.67 8.50
N THR A 149 2.30 -4.41 8.14
CA THR A 149 0.94 -3.91 7.85
C THR A 149 0.62 -3.93 6.37
N ARG A 150 1.62 -4.12 5.54
CA ARG A 150 1.57 -4.16 4.08
C ARG A 150 1.44 -2.75 3.52
N GLN A 151 1.55 -1.72 4.36
CA GLN A 151 1.55 -0.35 3.85
C GLN A 151 2.71 -0.14 2.88
N GLY A 152 2.40 0.35 1.68
CA GLY A 152 3.40 0.63 0.68
C GLY A 152 4.01 -0.56 -0.05
N VAL A 153 3.73 -1.80 0.38
CA VAL A 153 4.45 -2.94 -0.17
C VAL A 153 4.12 -3.14 -1.64
N ASP A 154 2.84 -3.25 -1.96
CA ASP A 154 2.47 -3.44 -3.36
C ASP A 154 2.94 -2.25 -4.20
N ASP A 155 2.79 -1.03 -3.66
CA ASP A 155 3.26 0.16 -4.36
CA ASP A 155 3.26 0.16 -4.36
C ASP A 155 4.75 0.05 -4.71
N ALA A 156 5.56 -0.42 -3.76
CA ALA A 156 6.99 -0.51 -4.00
C ALA A 156 7.32 -1.46 -5.14
N PHE A 157 6.70 -2.65 -5.12
CA PHE A 157 6.97 -3.63 -6.17
C PHE A 157 6.39 -3.18 -7.51
N TYR A 158 5.20 -2.58 -7.48
CA TYR A 158 4.61 -2.13 -8.75
C TYR A 158 5.40 -0.97 -9.34
N THR A 159 5.98 -0.12 -8.48
CA THR A 159 6.84 0.95 -8.98
C THR A 159 8.04 0.39 -9.71
N LEU A 160 8.64 -0.69 -9.18
CA LEU A 160 9.77 -1.32 -9.87
C LEU A 160 9.34 -1.89 -11.23
N VAL A 161 8.17 -2.53 -11.28
CA VAL A 161 7.65 -2.99 -12.57
C VAL A 161 7.52 -1.83 -13.53
N ARG A 162 6.95 -0.72 -13.07
CA ARG A 162 6.80 0.46 -13.93
C ARG A 162 8.14 1.00 -14.42
N GLU A 163 9.18 0.89 -13.60
CA GLU A 163 10.50 1.34 -14.03
C GLU A 163 11.08 0.40 -15.08
N ILE A 164 10.84 -0.91 -14.93
CA ILE A 164 11.29 -1.87 -15.93
C ILE A 164 10.59 -1.62 -17.27
N ARG A 165 9.27 -1.44 -17.23
CA ARG A 165 8.53 -1.10 -18.44
C ARG A 165 9.13 0.12 -19.12
N LYS A 166 9.39 1.17 -18.34
CA LYS A 166 9.92 2.42 -18.89
C LYS A 166 11.29 2.17 -19.55
N HIS A 167 12.12 1.37 -18.89
CA HIS A 167 13.46 1.05 -19.41
C HIS A 167 13.38 0.30 -20.73
N LYS A 168 12.30 -0.44 -20.97
CA LYS A 168 12.13 -1.16 -22.23
C LYS A 168 11.70 -0.27 -23.38
N GLU A 169 11.56 1.03 -23.18
CA GLU A 169 11.21 1.94 -24.27
C GLU A 169 12.42 2.72 -24.79
N GLY B 1 -1.19 20.28 19.03
CA GLY B 1 -0.20 20.63 18.02
C GLY B 1 -0.15 19.61 16.90
N MET B 2 -0.51 18.37 17.24
CA MET B 2 -0.59 17.30 16.26
C MET B 2 -1.92 17.39 15.52
N THR B 3 -1.87 17.38 14.20
CA THR B 3 -3.08 17.47 13.41
C THR B 3 -3.92 16.21 13.57
N GLU B 4 -5.22 16.39 13.78
CA GLU B 4 -6.16 15.29 13.85
C GLU B 4 -7.05 15.31 12.61
N TYR B 5 -7.30 14.12 12.04
CA TYR B 5 -8.15 13.97 10.86
C TYR B 5 -9.33 13.09 11.21
N LYS B 6 -10.55 13.55 10.92
CA LYS B 6 -11.76 12.79 11.21
C LYS B 6 -12.21 12.11 9.92
N LEU B 7 -12.08 10.78 9.87
CA LEU B 7 -12.43 9.98 8.72
C LEU B 7 -13.69 9.19 9.01
N VAL B 8 -14.57 9.09 8.02
CA VAL B 8 -15.81 8.32 8.13
C VAL B 8 -15.81 7.27 7.05
N VAL B 9 -16.01 6.01 7.44
CA VAL B 9 -16.04 4.89 6.51
C VAL B 9 -17.50 4.55 6.23
N VAL B 10 -17.92 4.66 4.96
CA VAL B 10 -19.31 4.44 4.56
C VAL B 10 -19.36 3.42 3.43
N GLY B 11 -20.57 2.93 3.18
CA GLY B 11 -20.77 1.89 2.20
C GLY B 11 -21.80 0.86 2.65
N ALA B 12 -22.27 0.06 1.69
CA ALA B 12 -23.33 -0.93 1.88
C ALA B 12 -22.95 -2.02 2.88
N CYS B 13 -23.94 -2.82 3.26
CA CYS B 13 -23.69 -3.94 4.16
C CYS B 13 -22.70 -4.93 3.55
N GLY B 14 -21.75 -5.37 4.39
CA GLY B 14 -20.88 -6.46 4.02
C GLY B 14 -19.82 -6.11 3.02
N VAL B 15 -19.59 -4.82 2.75
CA VAL B 15 -18.53 -4.47 1.81
C VAL B 15 -17.16 -4.52 2.46
N GLY B 16 -17.08 -4.49 3.79
CA GLY B 16 -15.80 -4.53 4.46
C GLY B 16 -15.42 -3.30 5.27
N LYS B 17 -16.41 -2.47 5.62
CA LYS B 17 -16.10 -1.28 6.42
C LYS B 17 -15.41 -1.64 7.73
N SER B 18 -15.99 -2.56 8.47
CA SER B 18 -15.41 -2.95 9.75
C SER B 18 -14.09 -3.69 9.56
N ALA B 19 -14.04 -4.62 8.59
CA ALA B 19 -12.82 -5.37 8.33
C ALA B 19 -11.66 -4.45 7.95
N LEU B 20 -11.93 -3.45 7.11
CA LEU B 20 -10.89 -2.49 6.76
C LEU B 20 -10.44 -1.69 7.96
N THR B 21 -11.40 -1.20 8.76
CA THR B 21 -11.06 -0.38 9.92
C THR B 21 -10.27 -1.17 10.94
N ILE B 22 -10.72 -2.39 11.24
CA ILE B 22 -10.05 -3.19 12.27
C ILE B 22 -8.68 -3.66 11.78
N GLN B 23 -8.54 -3.91 10.49
CA GLN B 23 -7.23 -4.20 9.92
C GLN B 23 -6.27 -3.01 10.08
N LEU B 24 -6.74 -1.80 9.76
CA LEU B 24 -5.91 -0.61 9.94
C LEU B 24 -5.50 -0.43 11.40
N ILE B 25 -6.45 -0.58 12.33
CA ILE B 25 -6.22 -0.21 13.73
C ILE B 25 -5.48 -1.33 14.47
N GLN B 26 -5.92 -2.58 14.27
CA GLN B 26 -5.45 -3.70 15.08
C GLN B 26 -4.66 -4.73 14.28
N ASN B 27 -4.54 -4.57 12.97
CA ASN B 27 -3.74 -5.46 12.11
C ASN B 27 -4.22 -6.92 12.16
N HIS B 28 -5.53 -7.13 12.22
CA HIS B 28 -6.03 -8.49 12.04
C HIS B 28 -7.35 -8.43 11.30
N PHE B 29 -7.70 -9.54 10.66
CA PHE B 29 -8.86 -9.66 9.78
C PHE B 29 -10.01 -10.33 10.52
N VAL B 30 -11.15 -9.63 10.65
CA VAL B 30 -12.30 -10.13 11.40
CA VAL B 30 -12.30 -10.13 11.40
C VAL B 30 -13.34 -10.70 10.45
N ASP B 31 -13.88 -11.85 10.82
CA ASP B 31 -14.95 -12.50 10.08
C ASP B 31 -16.32 -12.10 10.62
N GLU B 32 -17.24 -11.74 9.72
CA GLU B 32 -18.63 -11.46 10.05
C GLU B 32 -18.78 -10.62 11.33
N TYR B 33 -18.07 -9.50 11.37
CA TYR B 33 -18.21 -8.58 12.47
C TYR B 33 -19.65 -8.07 12.56
N ASP B 34 -20.18 -8.02 13.79
CA ASP B 34 -21.54 -7.58 14.09
C ASP B 34 -21.90 -6.35 13.25
N PRO B 35 -22.89 -6.46 12.36
CA PRO B 35 -23.24 -5.33 11.48
C PRO B 35 -23.95 -4.19 12.18
N THR B 36 -24.25 -4.34 13.48
CA THR B 36 -24.89 -3.27 14.25
C THR B 36 -23.91 -2.45 15.08
N ILE B 37 -22.65 -2.86 15.15
CA ILE B 37 -21.69 -2.19 16.03
C ILE B 37 -20.98 -1.09 15.26
N GLU B 38 -21.22 0.16 15.67
CA GLU B 38 -20.59 1.35 15.13
C GLU B 38 -19.66 1.93 16.20
N ASP B 39 -18.38 2.03 15.88
CA ASP B 39 -17.39 2.57 16.81
C ASP B 39 -16.47 3.55 16.12
N SER B 40 -15.92 4.46 16.91
CA SER B 40 -14.86 5.34 16.47
C SER B 40 -13.52 4.81 16.99
N TYR B 41 -12.50 4.82 16.14
CA TYR B 41 -11.17 4.37 16.51
C TYR B 41 -10.15 5.48 16.31
N ARG B 42 -9.14 5.52 17.17
CA ARG B 42 -8.08 6.51 17.08
C ARG B 42 -6.74 5.82 16.83
N LYS B 43 -5.90 6.42 15.99
CA LYS B 43 -4.58 5.87 15.75
C LYS B 43 -3.62 6.99 15.38
N GLN B 44 -2.45 6.99 16.01
CA GLN B 44 -1.38 7.91 15.66
C GLN B 44 -0.51 7.28 14.57
N VAL B 45 -0.31 8.02 13.49
CA VAL B 45 0.44 7.50 12.34
C VAL B 45 1.31 8.60 11.77
N VAL B 46 2.27 8.20 10.92
CA VAL B 46 3.12 9.11 10.19
C VAL B 46 2.78 8.98 8.71
N ILE B 47 2.27 10.06 8.12
CA ILE B 47 1.86 10.08 6.72
C ILE B 47 2.67 11.16 6.03
N ASP B 48 3.49 10.76 5.07
CA ASP B 48 4.38 11.69 4.36
C ASP B 48 5.21 12.52 5.34
N GLY B 49 5.77 11.84 6.33
CA GLY B 49 6.63 12.48 7.31
C GLY B 49 5.93 13.26 8.40
N GLU B 50 4.61 13.47 8.30
CA GLU B 50 3.87 14.25 9.29
CA GLU B 50 3.87 14.25 9.29
C GLU B 50 3.17 13.30 10.26
N THR B 51 3.49 13.42 11.54
CA THR B 51 2.81 12.63 12.56
C THR B 51 1.44 13.23 12.83
N CYS B 52 0.41 12.39 12.80
CA CYS B 52 -0.95 12.90 12.95
C CYS B 52 -1.80 11.83 13.63
N LEU B 53 -2.98 12.25 14.08
CA LEU B 53 -3.93 11.38 14.76
C LEU B 53 -5.14 11.17 13.86
N LEU B 54 -5.45 9.91 13.59
CA LEU B 54 -6.63 9.56 12.83
C LEU B 54 -7.76 9.21 13.78
N ASP B 55 -8.93 9.77 13.54
CA ASP B 55 -10.15 9.40 14.25
C ASP B 55 -11.10 8.83 13.21
N ILE B 56 -11.37 7.52 13.30
CA ILE B 56 -12.04 6.80 12.22
C ILE B 56 -13.38 6.26 12.72
N LEU B 57 -14.45 6.67 12.07
CA LEU B 57 -15.78 6.19 12.40
C LEU B 57 -16.18 5.08 11.42
N ASP B 58 -16.40 3.88 11.96
CA ASP B 58 -16.86 2.72 11.19
C ASP B 58 -18.38 2.68 11.25
N THR B 59 -19.07 3.22 10.24
CA THR B 59 -20.52 3.32 10.33
C THR B 59 -21.19 1.93 10.29
N ALA B 60 -22.28 1.79 11.04
CA ALA B 60 -22.98 0.51 11.10
C ALA B 60 -24.41 0.74 11.59
N GLY B 61 -25.18 -0.35 11.64
CA GLY B 61 -26.53 -0.24 12.14
C GLY B 61 -27.51 0.18 11.07
N GLN B 62 -28.44 1.06 11.39
CA GLN B 62 -29.51 1.33 10.46
C GLN B 62 -29.31 2.67 9.77
N GLU B 63 -29.83 2.72 8.54
CA GLU B 63 -29.95 3.96 7.79
C GLU B 63 -30.98 4.86 8.47
N GLU B 64 -30.66 6.14 8.63
CA GLU B 64 -31.68 7.04 9.14
C GLU B 64 -31.28 8.49 8.89
N TYR B 65 -32.30 9.30 8.64
CA TYR B 65 -32.09 10.65 8.14
C TYR B 65 -32.64 11.70 9.11
N SER B 66 -32.24 11.59 10.36
CA SER B 66 -32.54 12.61 11.34
C SER B 66 -31.54 13.77 11.25
N ALA B 67 -31.94 14.91 11.81
CA ALA B 67 -31.02 16.04 11.93
C ALA B 67 -29.77 15.67 12.72
N MET B 68 -29.90 14.85 13.75
CA MET B 68 -28.73 14.54 14.55
C MET B 68 -27.79 13.57 13.84
N ARG B 69 -28.31 12.65 13.03
CA ARG B 69 -27.44 11.81 12.21
C ARG B 69 -26.70 12.66 11.17
N ASP B 70 -27.40 13.58 10.52
CA ASP B 70 -26.74 14.52 9.61
C ASP B 70 -25.62 15.27 10.30
N GLN B 71 -25.89 15.78 11.50
CA GLN B 71 -24.90 16.58 12.20
C GLN B 71 -23.67 15.74 12.55
N TYR B 72 -23.89 14.48 12.93
CA TYR B 72 -22.76 13.60 13.23
C TYR B 72 -21.89 13.39 11.99
N MET B 73 -22.52 13.15 10.84
CA MET B 73 -21.76 12.95 9.60
C MET B 73 -21.09 14.24 9.15
N ARG B 74 -21.73 15.39 9.39
CA ARG B 74 -21.21 16.67 8.93
C ARG B 74 -19.87 17.01 9.55
N THR B 75 -19.55 16.45 10.72
CA THR B 75 -18.26 16.67 11.35
C THR B 75 -17.14 15.88 10.69
N GLY B 76 -17.48 14.88 9.87
CA GLY B 76 -16.45 14.13 9.16
C GLY B 76 -15.71 15.02 8.18
N GLU B 77 -14.39 14.92 8.16
CA GLU B 77 -13.58 15.69 7.22
C GLU B 77 -13.34 14.98 5.91
N GLY B 78 -13.41 13.66 5.88
CA GLY B 78 -13.22 12.91 4.65
C GLY B 78 -13.95 11.61 4.78
N PHE B 79 -14.38 11.08 3.64
CA PHE B 79 -15.21 9.88 3.60
C PHE B 79 -14.52 8.81 2.78
N LEU B 80 -14.37 7.64 3.38
CA LEU B 80 -13.89 6.44 2.68
C LEU B 80 -15.11 5.69 2.19
N CYS B 81 -15.33 5.71 0.87
CA CYS B 81 -16.55 5.21 0.27
C CYS B 81 -16.27 3.82 -0.30
N VAL B 82 -16.74 2.79 0.39
CA VAL B 82 -16.34 1.41 0.12
C VAL B 82 -17.46 0.67 -0.58
N PHE B 83 -17.12 -0.07 -1.63
CA PHE B 83 -17.98 -1.10 -2.19
C PHE B 83 -17.15 -2.37 -2.30
N ALA B 84 -17.81 -3.49 -2.59
CA ALA B 84 -17.12 -4.76 -2.76
C ALA B 84 -17.14 -5.12 -4.24
N ILE B 85 -15.99 -5.57 -4.76
CA ILE B 85 -15.87 -5.78 -6.19
C ILE B 85 -16.69 -6.97 -6.67
N ASN B 86 -17.26 -7.75 -5.76
CA ASN B 86 -18.14 -8.84 -6.14
C ASN B 86 -19.60 -8.55 -5.80
N ASN B 87 -19.95 -7.28 -5.59
CA ASN B 87 -21.30 -6.90 -5.20
C ASN B 87 -21.69 -5.69 -6.05
N THR B 88 -22.37 -5.92 -7.16
CA THR B 88 -22.74 -4.81 -8.05
C THR B 88 -23.63 -3.79 -7.35
N LYS B 89 -24.57 -4.24 -6.52
CA LYS B 89 -25.46 -3.29 -5.84
C LYS B 89 -24.67 -2.36 -4.92
N SER B 90 -23.63 -2.89 -4.26
CA SER B 90 -22.83 -2.02 -3.39
C SER B 90 -22.13 -0.92 -4.18
N PHE B 91 -21.78 -1.21 -5.44
CA PHE B 91 -21.16 -0.23 -6.33
C PHE B 91 -22.18 0.82 -6.77
N GLU B 92 -23.37 0.37 -7.19
CA GLU B 92 -24.46 1.28 -7.51
C GLU B 92 -24.78 2.19 -6.34
N ASP B 93 -24.81 1.64 -5.12
CA ASP B 93 -25.14 2.44 -3.95
C ASP B 93 -24.20 3.62 -3.73
N ILE B 94 -22.98 3.59 -4.30
CA ILE B 94 -22.05 4.70 -4.11
C ILE B 94 -22.68 6.01 -4.56
N HIS B 95 -23.53 5.96 -5.60
CA HIS B 95 -24.22 7.17 -6.07
C HIS B 95 -25.02 7.81 -4.94
N HIS B 96 -25.70 6.98 -4.15
CA HIS B 96 -26.49 7.41 -2.99
C HIS B 96 -25.58 7.99 -1.89
N TYR B 97 -24.52 7.27 -1.53
CA TYR B 97 -23.59 7.81 -0.52
C TYR B 97 -23.02 9.16 -0.97
N ARG B 98 -22.68 9.30 -2.26
CA ARG B 98 -22.18 10.57 -2.79
C ARG B 98 -23.17 11.71 -2.56
N GLU B 99 -24.45 11.48 -2.87
CA GLU B 99 -25.43 12.55 -2.69
C GLU B 99 -25.62 12.89 -1.22
N GLN B 100 -25.58 11.89 -0.33
CA GLN B 100 -25.76 12.19 1.09
C GLN B 100 -24.59 13.01 1.62
N ILE B 101 -23.37 12.65 1.23
CA ILE B 101 -22.19 13.43 1.62
C ILE B 101 -22.28 14.86 1.09
N LYS B 102 -22.58 15.02 -0.21
CA LYS B 102 -22.79 16.35 -0.78
C LYS B 102 -23.81 17.15 0.00
N ARG B 103 -24.90 16.50 0.42
CA ARG B 103 -25.99 17.22 1.07
C ARG B 103 -25.57 17.77 2.42
N VAL B 104 -24.95 16.93 3.26
CA VAL B 104 -24.65 17.41 4.61
C VAL B 104 -23.45 18.35 4.61
N LYS B 105 -22.54 18.21 3.64
CA LYS B 105 -21.39 19.11 3.54
C LYS B 105 -21.71 20.35 2.71
N ASP B 106 -22.86 20.37 2.06
CA ASP B 106 -23.30 21.47 1.21
C ASP B 106 -22.24 21.82 0.17
N SER B 107 -21.68 20.79 -0.47
CA SER B 107 -20.56 21.02 -1.38
C SER B 107 -20.39 19.81 -2.29
N GLU B 108 -19.92 20.09 -3.50
CA GLU B 108 -19.46 19.06 -4.42
C GLU B 108 -17.99 18.74 -4.25
N ASP B 109 -17.29 19.45 -3.38
CA ASP B 109 -15.84 19.32 -3.18
C ASP B 109 -15.64 18.86 -1.75
N VAL B 110 -15.72 17.54 -1.55
CA VAL B 110 -15.59 16.91 -0.24
C VAL B 110 -14.49 15.87 -0.37
N PRO B 111 -13.50 15.85 0.53
CA PRO B 111 -12.49 14.79 0.49
C PRO B 111 -13.14 13.42 0.56
N MET B 112 -12.87 12.61 -0.45
CA MET B 112 -13.45 11.28 -0.59
C MET B 112 -12.44 10.40 -1.29
N VAL B 113 -12.46 9.11 -0.97
CA VAL B 113 -11.73 8.11 -1.73
C VAL B 113 -12.68 6.96 -2.01
N LEU B 114 -12.72 6.51 -3.25
CA LEU B 114 -13.51 5.34 -3.63
C LEU B 114 -12.66 4.09 -3.45
N VAL B 115 -13.20 3.10 -2.72
CA VAL B 115 -12.47 1.89 -2.35
C VAL B 115 -13.21 0.67 -2.89
N GLY B 116 -12.55 -0.09 -3.76
CA GLY B 116 -13.05 -1.36 -4.23
C GLY B 116 -12.41 -2.46 -3.42
N ASN B 117 -13.13 -2.94 -2.42
CA ASN B 117 -12.60 -3.93 -1.48
C ASN B 117 -12.92 -5.36 -1.93
N LYS B 118 -12.24 -6.32 -1.29
CA LYS B 118 -12.30 -7.74 -1.57
C LYS B 118 -11.59 -8.09 -2.89
N SER B 119 -10.47 -7.39 -3.15
CA SER B 119 -9.66 -7.63 -4.34
C SER B 119 -9.06 -9.03 -4.37
N ASP B 120 -9.05 -9.73 -3.24
CA ASP B 120 -8.52 -11.08 -3.20
C ASP B 120 -9.47 -12.11 -3.82
N LEU B 121 -10.75 -11.76 -4.00
CA LEU B 121 -11.73 -12.77 -4.41
C LEU B 121 -11.76 -12.91 -5.92
N PRO B 122 -11.90 -14.12 -6.43
CA PRO B 122 -12.20 -14.31 -7.86
C PRO B 122 -13.68 -14.01 -8.09
N SER B 123 -14.10 -14.09 -9.34
CA SER B 123 -15.50 -13.83 -9.71
C SER B 123 -15.91 -12.42 -9.28
N ARG B 124 -15.07 -11.46 -9.62
CA ARG B 124 -15.46 -10.06 -9.52
C ARG B 124 -16.66 -9.79 -10.44
N THR B 125 -17.51 -8.84 -10.03
CA THR B 125 -18.62 -8.41 -10.88
C THR B 125 -18.53 -6.94 -11.27
N VAL B 126 -17.64 -6.17 -10.67
CA VAL B 126 -17.41 -4.76 -11.00
C VAL B 126 -16.01 -4.64 -11.59
N ASP B 127 -15.94 -4.21 -12.86
CA ASP B 127 -14.65 -4.01 -13.52
C ASP B 127 -13.87 -2.86 -12.88
N THR B 128 -12.55 -3.02 -12.81
CA THR B 128 -11.70 -1.91 -12.36
C THR B 128 -11.96 -0.65 -13.19
N LYS B 129 -12.17 -0.81 -14.50
CA LYS B 129 -12.39 0.33 -15.39
C LYS B 129 -13.67 1.10 -15.04
N GLN B 130 -14.77 0.39 -14.73
CA GLN B 130 -16.00 1.09 -14.34
C GLN B 130 -15.79 1.90 -13.08
N ALA B 131 -15.08 1.34 -12.09
CA ALA B 131 -14.84 2.06 -10.85
C ALA B 131 -13.94 3.27 -11.07
N GLN B 132 -12.91 3.12 -11.89
CA GLN B 132 -12.06 4.26 -12.25
C GLN B 132 -12.88 5.35 -12.93
N ASP B 133 -13.79 4.94 -13.82
CA ASP B 133 -14.66 5.90 -14.52
C ASP B 133 -15.55 6.64 -13.54
N LEU B 134 -16.10 5.95 -12.54
CA LEU B 134 -16.94 6.64 -11.56
C LEU B 134 -16.12 7.60 -10.71
N ALA B 135 -14.94 7.17 -10.28
CA ALA B 135 -14.07 8.05 -9.49
C ALA B 135 -13.64 9.26 -10.30
N ARG B 136 -13.34 9.07 -11.59
CA ARG B 136 -13.00 10.20 -12.44
C ARG B 136 -14.14 11.21 -12.53
N SER B 137 -15.38 10.72 -12.65
CA SER B 137 -16.51 11.65 -12.72
CA SER B 137 -16.53 11.63 -12.71
C SER B 137 -16.67 12.43 -11.43
N TYR B 138 -16.34 11.83 -10.28
CA TYR B 138 -16.38 12.56 -9.02
C TYR B 138 -15.14 13.41 -8.78
N GLY B 139 -14.06 13.16 -9.53
CA GLY B 139 -12.79 13.83 -9.28
C GLY B 139 -12.07 13.36 -8.04
N ILE B 140 -12.14 12.06 -7.74
CA ILE B 140 -11.58 11.54 -6.49
C ILE B 140 -10.71 10.34 -6.81
N PRO B 141 -9.83 9.94 -5.87
CA PRO B 141 -8.99 8.76 -6.08
C PRO B 141 -9.79 7.48 -5.97
N PHE B 142 -9.30 6.44 -6.66
CA PHE B 142 -9.82 5.08 -6.55
C PHE B 142 -8.69 4.12 -6.16
N ILE B 143 -8.96 3.25 -5.22
CA ILE B 143 -7.96 2.26 -4.82
C ILE B 143 -8.68 0.92 -4.58
N GLU B 144 -8.01 -0.17 -4.96
CA GLU B 144 -8.53 -1.50 -4.70
C GLU B 144 -7.82 -2.09 -3.49
N THR B 145 -8.60 -2.68 -2.59
CA THR B 145 -8.08 -3.16 -1.31
C THR B 145 -8.54 -4.59 -1.06
N SER B 146 -7.83 -5.23 -0.13
CA SER B 146 -8.32 -6.46 0.50
C SER B 146 -8.05 -6.37 1.99
N ALA B 147 -9.12 -6.27 2.79
CA ALA B 147 -8.98 -6.37 4.23
C ALA B 147 -8.45 -7.74 4.63
N LYS B 148 -8.68 -8.77 3.82
CA LYS B 148 -8.18 -10.10 4.14
C LYS B 148 -6.66 -10.19 3.99
N THR B 149 -6.13 -9.74 2.85
CA THR B 149 -4.68 -9.87 2.61
C THR B 149 -3.89 -8.65 3.06
N ARG B 150 -4.57 -7.57 3.44
CA ARG B 150 -4.04 -6.24 3.82
C ARG B 150 -3.64 -5.40 2.61
N GLN B 151 -3.73 -5.91 1.38
CA GLN B 151 -3.33 -5.12 0.23
C GLN B 151 -4.10 -3.80 0.19
N GLY B 152 -3.37 -2.68 0.12
CA GLY B 152 -3.98 -1.39 -0.06
C GLY B 152 -4.71 -0.80 1.13
N VAL B 153 -4.85 -1.52 2.25
CA VAL B 153 -5.70 -1.05 3.34
C VAL B 153 -5.18 0.26 3.92
N ASP B 154 -3.96 0.23 4.47
CA ASP B 154 -3.42 1.44 5.08
C ASP B 154 -3.29 2.55 4.06
N ASP B 155 -2.91 2.20 2.84
CA ASP B 155 -2.74 3.23 1.81
C ASP B 155 -4.07 3.85 1.40
N ALA B 156 -5.19 3.13 1.56
CA ALA B 156 -6.48 3.76 1.28
C ALA B 156 -6.78 4.86 2.28
N PHE B 157 -6.55 4.59 3.56
CA PHE B 157 -6.75 5.63 4.58
C PHE B 157 -5.76 6.78 4.40
N TYR B 158 -4.51 6.46 4.08
CA TYR B 158 -3.53 7.52 3.88
C TYR B 158 -3.91 8.40 2.69
N THR B 159 -4.45 7.80 1.64
CA THR B 159 -4.89 8.57 0.49
C THR B 159 -6.00 9.54 0.88
N LEU B 160 -6.93 9.10 1.74
CA LEU B 160 -7.99 10.00 2.19
C LEU B 160 -7.43 11.17 3.00
N VAL B 161 -6.44 10.91 3.86
CA VAL B 161 -5.78 12.00 4.60
C VAL B 161 -5.18 13.00 3.61
N ARG B 162 -4.54 12.50 2.55
CA ARG B 162 -3.96 13.40 1.56
C ARG B 162 -5.04 14.23 0.87
N GLU B 163 -6.22 13.64 0.64
CA GLU B 163 -7.31 14.42 0.05
C GLU B 163 -7.76 15.51 1.00
N ILE B 164 -7.85 15.21 2.29
CA ILE B 164 -8.22 16.22 3.28
C ILE B 164 -7.20 17.35 3.29
N ARG B 165 -5.90 16.99 3.26
CA ARG B 165 -4.85 18.01 3.26
C ARG B 165 -4.96 18.92 2.04
N LYS B 166 -5.31 18.36 0.88
CA LYS B 166 -5.41 19.18 -0.33
C LYS B 166 -6.61 20.11 -0.27
N HIS B 167 -7.68 19.69 0.41
CA HIS B 167 -8.85 20.53 0.57
C HIS B 167 -8.54 21.71 1.49
N LYS B 168 -7.75 21.49 2.54
CA LYS B 168 -7.39 22.56 3.45
C LYS B 168 -6.36 23.50 2.84
N GLU B 169 -5.55 23.00 1.91
CA GLU B 169 -4.51 23.81 1.28
C GLU B 169 -5.12 24.83 0.32
PB GDP C . 15.78 -10.42 5.75
O1B GDP C . 15.12 -11.45 4.85
O2B GDP C . 17.03 -10.98 6.44
O3B GDP C . 16.10 -9.17 4.99
O3A GDP C . 14.72 -9.94 6.88
PA GDP C . 13.39 -10.73 7.37
O1A GDP C . 12.31 -10.66 6.32
O2A GDP C . 13.81 -12.08 7.89
O5' GDP C . 12.93 -9.80 8.61
C5' GDP C . 13.77 -9.68 9.76
C4' GDP C . 12.92 -9.41 10.99
O4' GDP C . 12.24 -8.15 10.86
C3' GDP C . 11.83 -10.45 11.16
O3' GDP C . 11.68 -10.68 12.57
C2' GDP C . 10.57 -9.81 10.58
O2' GDP C . 9.35 -10.29 11.15
C1' GDP C . 10.83 -8.37 10.94
N9 GDP C . 10.23 -7.46 9.95
C8 GDP C . 10.41 -7.47 8.62
N7 GDP C . 9.74 -6.44 8.04
C5 GDP C . 9.13 -5.77 9.04
C6 GDP C . 8.28 -4.59 9.14
O6 GDP C . 7.97 -3.96 8.10
N1 GDP C . 7.88 -4.19 10.35
C2 GDP C . 8.21 -4.85 11.48
N2 GDP C . 7.75 -4.40 12.67
N3 GDP C . 9.00 -5.95 11.47
C4 GDP C . 9.48 -6.42 10.29
MG MG D . 15.51 -13.45 4.34
N1 Y8N E . 25.77 -9.37 1.39
N3 Y8N E . 24.12 -11.01 1.33
C4 Y8N E . 25.54 -8.73 -1.26
C5 Y8N E . 23.90 -10.47 -1.64
C6 Y8N E . 23.80 -10.13 -2.96
C7 Y8N E . 24.58 -9.07 -3.45
C8 Y8N E . 25.46 -8.39 -2.62
C10 Y8N E . 28.26 -6.85 3.55
C13 Y8N E . 23.65 -7.36 -6.71
C15 Y8N E . 25.33 -8.99 -7.20
C17 Y8N E . 22.68 -11.23 1.01
C20 Y8N E . 24.52 -11.66 2.57
C21 Y8N E . 29.82 -5.85 1.99
C22 Y8N E . 29.03 -4.73 2.65
C24 Y8N E . 28.50 -7.03 5.06
C26 Y8N E . 30.60 -7.20 4.06
C28 Y8N E . 23.94 -9.69 4.04
C1 Y8N E . 26.47 -8.39 0.83
C11 Y8N E . 24.55 -8.72 -4.89
C12 Y8N E . 23.71 -7.70 -5.37
C14 Y8N E . 24.46 -8.00 -7.62
C16 Y8N E . 25.38 -9.36 -5.83
C18 Y8N E . 21.82 -10.68 2.14
C19 Y8N E . 23.64 -11.16 3.74
C2 Y8N E . 24.88 -10.07 0.65
C23 Y8N E . 27.76 -5.44 3.14
C25 Y8N E . 29.76 -7.86 5.10
C27 Y8N E . 22.40 -12.68 0.65
C29 Y8N E . 21.31 -11.89 4.20
C3 Y8N E . 24.73 -9.78 -0.74
C30 Y8N E . 21.75 -12.77 5.35
C31 Y8N E . 21.38 -12.16 6.68
C32 Y8N E . 26.94 -10.88 -6.82
C33 Y8N E . 26.36 -10.44 -5.65
C34 Y8N E . 26.64 -11.04 -4.40
C35 Y8N E . 22.88 -10.90 -3.85
C9 Y8N E . 27.36 -7.93 2.99
F1 Y8N E . 26.21 -7.39 -3.12
F2 Y8N E . 29.72 -4.22 3.74
F3 Y8N E . 24.40 -7.68 -8.94
F4 Y8N E . 21.99 -10.16 -4.47
F5 Y8N E . 23.54 -11.54 -4.81
F6 Y8N E . 22.20 -11.84 -3.20
N2 Y8N E . 26.39 -8.05 -0.44
N4 Y8N E . 22.22 -11.31 3.40
N5 Y8N E . 29.64 -6.99 2.94
N6 Y8N E . 27.81 -11.90 -6.93
N7 Y8N E . 26.83 -11.56 -3.39
O1 Y8N E . 27.33 -7.69 1.57
O2 Y8N E . 20.11 -11.72 4.01
S1 Y8N E . 26.42 -9.92 -8.18
PB GDP F . -19.40 -4.11 6.78
O1B GDP F . -19.19 -3.08 5.71
O2B GDP F . -18.83 -3.59 8.09
O3B GDP F . -20.86 -4.47 6.91
O3A GDP F . -18.59 -5.42 6.29
PA GDP F . -17.66 -6.40 7.19
O1A GDP F . -16.37 -5.71 7.55
O2A GDP F . -18.42 -6.94 8.38
O5' GDP F . -17.36 -7.55 6.10
C5' GDP F . -18.42 -8.40 5.65
C4' GDP F . -17.90 -9.82 5.45
O4' GDP F . -16.94 -9.79 4.40
C3' GDP F . -17.13 -10.28 6.68
O3' GDP F . -17.38 -11.68 6.85
C2' GDP F . -15.66 -10.05 6.34
O2' GDP F . -14.78 -10.99 6.96
C1' GDP F . -15.65 -10.22 4.84
N9 GDP F . -14.64 -9.36 4.22
C8 GDP F . -14.44 -8.04 4.47
N7 GDP F . -13.40 -7.59 3.72
C5 GDP F . -12.95 -8.61 2.95
C6 GDP F . -11.91 -8.81 1.93
O6 GDP F . -11.15 -7.88 1.56
N1 GDP F . -11.80 -10.04 1.40
C2 GDP F . -12.60 -11.07 1.77
N2 GDP F . -12.40 -12.26 1.17
N3 GDP F . -13.60 -10.97 2.69
C4 GDP F . -13.79 -9.77 3.29
MG MG G . -19.55 -3.31 10.01
N1 Y8N H . -27.46 2.63 4.58
N3 Y8N H . -26.29 2.11 6.51
C4 Y8N H . -26.54 5.20 4.49
C5 Y8N H . -25.33 4.98 6.57
C6 Y8N H . -24.87 6.27 6.48
C7 Y8N H . -25.27 7.06 5.40
C8 Y8N H . -26.11 6.54 4.42
C10 Y8N H . -29.63 1.48 1.21
C13 Y8N H . -23.22 10.16 4.52
C15 Y8N H . -25.15 10.86 5.76
C17 Y8N H . -24.95 2.07 7.14
C20 Y8N H . -27.07 0.91 6.80
C21 Y8N H . -30.82 3.40 0.31
C22 Y8N H . -29.91 2.84 -0.78
C24 Y8N H . -30.10 0.05 0.99
C26 Y8N H . -32.05 1.29 1.12
C28 Y8N H . -26.24 -0.41 4.83
C1 Y8N H . -27.77 3.46 3.59
C11 Y8N H . -24.82 8.48 5.31
C12 Y8N H . -23.65 8.83 4.64
C14 Y8N H . -23.97 11.16 5.08
C16 Y8N H . -25.58 9.53 5.88
C18 Y8N H . -24.18 0.87 6.64
C19 Y8N H . -26.30 -0.36 6.35
C2 Y8N H . -26.64 3.04 5.57
C23 Y8N H . -28.85 2.09 0.03
C25 Y8N H . -31.46 0.03 1.63
C27 Y8N H . -25.05 2.13 8.66
C29 Y8N H . -24.41 -1.40 7.56
C3 Y8N H . -26.13 4.39 5.56
C30 Y8N H . -25.29 -2.54 8.01
C31 Y8N H . -25.01 -3.83 7.23
C32 Y8N H . -27.27 10.70 7.07
C33 Y8N H . -26.83 9.46 6.62
C34 Y8N H . -27.53 8.26 6.92
C35 Y8N H . -24.03 6.83 7.57
C9 Y8N H . -28.85 1.64 2.51
F1 Y8N H . -26.49 7.30 3.38
F2 Y8N H . -30.59 1.93 -1.58
F3 Y8N H . -23.56 12.44 4.99
F4 Y8N H . -22.86 7.31 7.13
F5 Y8N H . -24.63 7.84 8.22
F6 Y8N H . -23.73 5.92 8.51
N2 Y8N H . -27.34 4.71 3.50
N4 Y8N H . -24.94 -0.34 6.91
N5 Y8N H . -30.93 2.27 1.27
N6 Y8N H . -28.36 10.89 7.82
N7 Y8N H . -28.06 7.29 7.22
O1 Y8N H . -28.54 3.05 2.59
O2 Y8N H . -23.21 -1.43 7.79
S1 Y8N H . -26.23 11.98 6.52
#